data_7QKE
#
_entry.id   7QKE
#
_cell.length_a   54.010
_cell.length_b   119.523
_cell.length_c   145.753
_cell.angle_alpha   90.000
_cell.angle_beta   90.000
_cell.angle_gamma   90.000
#
_symmetry.space_group_name_H-M   'C 2 2 21'
#
loop_
_entity.id
_entity.type
_entity.pdbx_description
1 polymer 'Steroid C26-monooxygenase'
2 non-polymer 'ethyl 1-(cyclohexylmethyl)-5-pyridin-4-yl-indole-2-carboxylate'
3 non-polymer 'PROTOPORPHYRIN IX CONTAINING FE'
4 water water
#
_entity_poly.entity_id   1
_entity_poly.type   'polypeptide(L)'
_entity_poly.pdbx_seq_one_letter_code
;NGPSPNLPPGFDFTDPAIYAERLPVAEFAELRSAAPIWWNGQDPGKGGGFHDGGFWAITKLNDVKEISRHSDVFSSYENG
VIPRFKNDIAREDIEVQRFVMLNMDAPHHTRLRKIISRGFTPRAVGRLHDELQERAQAIAAEAAAAGSGDFVEQVSCELP
LQAIAGLLGVPQEDRGKLFHWSNEMTGNEDPEYAHIDPKASSAELIGYAMKMAEEKAKNPADDIVTQLIQADIDGEKLSD
DEFGFFVVMLAVAGNETTRNSITQGMMAFAEHPDQWELYKKVRPETAADEIVRWATPVTAFQRTALRDYELSGVQIAAGQ
RVVMFYRSANFDEEVFQDPFTFNILRNPNPHVGFGGTGAHYCIGANLARMTINLIFNAVADHMPDLKPISAPERLRSGWL
NGIKHWQVDYTGRCPVAH
;
_entity_poly.pdbx_strand_id   A
#
# COMPACT_ATOMS: atom_id res chain seq x y z
N SER A 4 -2.72 -31.87 5.68
CA SER A 4 -4.00 -31.99 5.00
C SER A 4 -4.09 -31.13 3.74
N PRO A 5 -3.91 -29.82 3.88
CA PRO A 5 -4.14 -28.94 2.73
C PRO A 5 -3.28 -29.33 1.55
N ASN A 6 -3.90 -29.43 0.38
CA ASN A 6 -3.22 -29.85 -0.84
C ASN A 6 -2.39 -28.68 -1.35
N LEU A 7 -1.10 -28.68 -1.00
CA LEU A 7 -0.17 -27.65 -1.42
C LEU A 7 1.16 -28.30 -1.78
N PRO A 8 1.95 -27.66 -2.66
CA PRO A 8 3.22 -28.27 -3.04
C PRO A 8 4.19 -28.26 -1.87
N PRO A 9 5.06 -29.27 -1.76
CA PRO A 9 6.15 -29.19 -0.79
C PRO A 9 7.01 -27.96 -1.04
N GLY A 10 7.44 -27.32 0.05
CA GLY A 10 8.29 -26.16 -0.06
C GLY A 10 7.59 -24.90 -0.51
N PHE A 11 6.27 -24.83 -0.38
CA PHE A 11 5.51 -23.69 -0.86
C PHE A 11 5.54 -22.57 0.17
N ASP A 12 5.84 -21.35 -0.30
CA ASP A 12 5.94 -20.17 0.56
C ASP A 12 5.04 -19.10 -0.02
N PHE A 13 4.06 -18.66 0.76
CA PHE A 13 3.11 -17.65 0.28
C PHE A 13 3.74 -16.28 0.15
N THR A 14 4.97 -16.08 0.62
CA THR A 14 5.70 -14.84 0.43
C THR A 14 6.78 -14.96 -0.64
N ASP A 15 6.89 -16.10 -1.31
CA ASP A 15 7.87 -16.29 -2.37
C ASP A 15 7.65 -15.28 -3.48
N PRO A 16 8.60 -14.38 -3.75
CA PRO A 16 8.42 -13.43 -4.86
C PRO A 16 8.36 -14.09 -6.22
N ALA A 17 8.85 -15.33 -6.36
CA ALA A 17 8.77 -16.02 -7.64
C ALA A 17 7.32 -16.17 -8.09
N ILE A 18 6.41 -16.47 -7.15
CA ILE A 18 5.00 -16.61 -7.48
C ILE A 18 4.45 -15.27 -7.98
N TYR A 19 4.64 -14.21 -7.19
CA TYR A 19 4.00 -12.94 -7.47
C TYR A 19 4.57 -12.25 -8.70
N ALA A 20 5.75 -12.67 -9.17
CA ALA A 20 6.23 -12.20 -10.45
C ALA A 20 5.42 -12.78 -11.61
N GLU A 21 4.78 -13.92 -11.40
CA GLU A 21 3.97 -14.58 -12.41
C GLU A 21 2.48 -14.29 -12.25
N ARG A 22 1.97 -14.40 -11.03
CA ARG A 22 0.54 -14.48 -10.80
C ARG A 22 0.28 -14.25 -9.31
N LEU A 23 -0.99 -14.26 -8.95
CA LEU A 23 -1.37 -14.27 -7.55
C LEU A 23 -1.83 -15.67 -7.16
N PRO A 24 -1.40 -16.21 -6.00
CA PRO A 24 -1.76 -17.59 -5.65
C PRO A 24 -3.18 -17.70 -5.12
N VAL A 25 -4.15 -17.37 -5.96
CA VAL A 25 -5.55 -17.32 -5.53
C VAL A 25 -6.03 -18.71 -5.11
N ALA A 26 -5.84 -19.70 -5.99
CA ALA A 26 -6.28 -21.06 -5.67
C ALA A 26 -5.63 -21.57 -4.38
N GLU A 27 -4.35 -21.26 -4.18
CA GLU A 27 -3.68 -21.70 -2.96
C GLU A 27 -4.25 -21.02 -1.73
N PHE A 28 -4.56 -19.71 -1.84
CA PHE A 28 -5.19 -19.02 -0.73
C PHE A 28 -6.55 -19.63 -0.41
N ALA A 29 -7.33 -19.96 -1.44
CA ALA A 29 -8.66 -20.54 -1.21
C ALA A 29 -8.55 -21.89 -0.53
N GLU A 30 -7.56 -22.70 -0.92
CA GLU A 30 -7.39 -24.02 -0.32
C GLU A 30 -7.26 -23.92 1.19
N LEU A 31 -6.50 -22.93 1.66
CA LEU A 31 -6.27 -22.80 3.11
C LEU A 31 -7.54 -22.36 3.83
N ARG A 32 -8.27 -21.40 3.27
CA ARG A 32 -9.51 -20.96 3.91
C ARG A 32 -10.45 -22.13 4.17
N SER A 33 -10.45 -23.13 3.29
CA SER A 33 -11.28 -24.31 3.49
C SER A 33 -10.62 -25.30 4.45
N ALA A 34 -9.38 -25.69 4.16
CA ALA A 34 -8.75 -26.83 4.83
C ALA A 34 -7.91 -26.43 6.03
N ALA A 35 -7.42 -25.19 6.08
CA ALA A 35 -6.52 -24.78 7.15
C ALA A 35 -6.40 -23.26 7.17
N PRO A 36 -7.41 -22.56 7.68
CA PRO A 36 -7.38 -21.08 7.63
C PRO A 36 -6.17 -20.48 8.32
N ILE A 37 -5.53 -21.19 9.24
CA ILE A 37 -4.31 -20.75 9.91
C ILE A 37 -3.30 -21.88 9.78
N TRP A 38 -2.30 -21.68 8.93
CA TRP A 38 -1.43 -22.76 8.46
C TRP A 38 0.02 -22.35 8.61
N TRP A 39 0.82 -23.22 9.22
CA TRP A 39 2.24 -22.94 9.42
C TRP A 39 2.98 -23.05 8.09
N ASN A 40 3.46 -21.92 7.59
CA ASN A 40 4.24 -21.86 6.35
C ASN A 40 5.71 -21.98 6.74
N GLY A 41 6.23 -23.19 6.70
CA GLY A 41 7.65 -23.39 6.95
C GLY A 41 8.49 -22.89 5.80
N GLN A 42 9.70 -22.44 6.13
CA GLN A 42 10.64 -21.89 5.16
C GLN A 42 11.96 -22.62 5.26
N ASP A 43 12.48 -23.08 4.12
CA ASP A 43 13.73 -23.81 4.10
C ASP A 43 14.86 -22.94 4.66
N PRO A 44 15.98 -23.57 5.06
CA PRO A 44 17.11 -22.79 5.56
C PRO A 44 17.62 -21.80 4.52
N GLY A 45 17.93 -20.59 4.98
CA GLY A 45 18.45 -19.56 4.10
C GLY A 45 17.44 -18.96 3.16
N LYS A 46 16.18 -19.37 3.23
CA LYS A 46 15.12 -18.89 2.35
C LYS A 46 13.98 -18.28 3.15
N GLY A 47 14.32 -17.47 4.16
CA GLY A 47 13.35 -16.83 5.02
C GLY A 47 13.05 -15.39 4.71
N GLY A 48 13.49 -14.89 3.55
CA GLY A 48 13.25 -13.50 3.21
C GLY A 48 13.83 -12.51 4.21
N GLY A 49 14.87 -12.92 4.93
CA GLY A 49 15.50 -12.09 5.93
C GLY A 49 15.20 -12.48 7.36
N PHE A 50 14.36 -13.49 7.58
CA PHE A 50 13.97 -13.93 8.90
C PHE A 50 14.33 -15.40 9.06
N HIS A 51 15.10 -15.72 10.10
CA HIS A 51 15.71 -17.03 10.28
C HIS A 51 15.02 -17.84 11.36
N ASP A 52 13.71 -17.68 11.51
CA ASP A 52 12.95 -18.41 12.52
C ASP A 52 12.33 -19.70 11.98
N GLY A 53 12.38 -19.93 10.67
CA GLY A 53 11.96 -21.19 10.10
C GLY A 53 10.57 -21.19 9.49
N GLY A 54 9.85 -20.09 9.56
CA GLY A 54 8.55 -19.99 8.94
C GLY A 54 7.66 -19.01 9.69
N PHE A 55 6.38 -19.05 9.33
CA PHE A 55 5.39 -18.13 9.88
C PHE A 55 4.02 -18.78 9.77
N TRP A 56 3.05 -18.19 10.49
CA TRP A 56 1.66 -18.60 10.37
C TRP A 56 1.00 -17.78 9.27
N ALA A 57 0.45 -18.47 8.27
CA ALA A 57 -0.36 -17.82 7.25
C ALA A 57 -1.74 -17.52 7.81
N ILE A 58 -2.19 -16.28 7.70
CA ILE A 58 -3.53 -15.86 8.09
C ILE A 58 -4.31 -15.55 6.84
N THR A 59 -5.38 -16.29 6.60
CA THR A 59 -6.13 -16.22 5.35
C THR A 59 -7.57 -15.74 5.53
N LYS A 60 -8.11 -15.73 6.74
CA LYS A 60 -9.48 -15.31 6.98
C LYS A 60 -9.51 -13.84 7.40
N LEU A 61 -10.55 -13.14 6.95
CA LEU A 61 -10.68 -11.72 7.27
C LEU A 61 -10.89 -11.50 8.76
N ASN A 62 -11.72 -12.34 9.40
CA ASN A 62 -11.96 -12.17 10.83
C ASN A 62 -10.68 -12.39 11.62
N ASP A 63 -9.81 -13.29 11.16
CA ASP A 63 -8.55 -13.52 11.85
C ASP A 63 -7.59 -12.35 11.63
N VAL A 64 -7.58 -11.79 10.42
CA VAL A 64 -6.78 -10.59 10.16
C VAL A 64 -7.25 -9.45 11.06
N LYS A 65 -8.56 -9.30 11.23
CA LYS A 65 -9.07 -8.23 12.07
C LYS A 65 -8.68 -8.43 13.52
N GLU A 66 -8.74 -9.66 14.02
CA GLU A 66 -8.36 -9.92 15.41
C GLU A 66 -6.91 -9.55 15.66
N ILE A 67 -6.02 -9.89 14.72
CA ILE A 67 -4.61 -9.57 14.91
C ILE A 67 -4.39 -8.06 14.86
N SER A 68 -5.03 -7.38 13.91
CA SER A 68 -4.83 -5.94 13.76
C SER A 68 -5.27 -5.18 15.00
N ARG A 69 -6.39 -5.59 15.61
CA ARG A 69 -6.90 -4.88 16.77
C ARG A 69 -6.20 -5.28 18.06
N HIS A 70 -5.63 -6.49 18.12
CA HIS A 70 -4.84 -6.92 19.27
C HIS A 70 -3.36 -6.59 19.05
N SER A 71 -3.11 -5.30 18.78
CA SER A 71 -1.74 -4.83 18.62
C SER A 71 -0.95 -4.86 19.92
N ASP A 72 -1.61 -5.06 21.07
CA ASP A 72 -0.88 -5.23 22.31
C ASP A 72 -0.14 -6.56 22.34
N VAL A 73 -0.67 -7.58 21.66
CA VAL A 73 -0.02 -8.89 21.57
C VAL A 73 0.78 -9.03 20.28
N PHE A 74 0.26 -8.50 19.18
CA PHE A 74 0.84 -8.70 17.85
C PHE A 74 1.58 -7.43 17.46
N SER A 75 2.91 -7.48 17.56
CA SER A 75 3.75 -6.30 17.46
C SER A 75 4.20 -6.03 16.03
N SER A 76 4.22 -4.75 15.66
CA SER A 76 4.80 -4.32 14.40
C SER A 76 6.28 -3.97 14.53
N TYR A 77 6.73 -3.63 15.74
CA TYR A 77 8.10 -3.21 15.98
C TYR A 77 9.06 -4.39 15.99
N GLU A 78 8.68 -5.51 16.64
CA GLU A 78 9.63 -6.58 16.92
C GLU A 78 10.38 -7.01 15.66
N ASN A 79 9.67 -7.19 14.54
CA ASN A 79 10.30 -7.66 13.32
C ASN A 79 9.90 -6.82 12.10
N GLY A 80 9.27 -5.68 12.30
CA GLY A 80 8.73 -4.94 11.18
C GLY A 80 7.53 -5.64 10.58
N VAL A 81 6.87 -5.00 9.62
CA VAL A 81 5.65 -5.53 9.04
C VAL A 81 5.86 -6.11 7.64
N ILE A 82 6.97 -5.80 6.99
CA ILE A 82 7.27 -6.37 5.68
C ILE A 82 7.71 -7.82 5.90
N PRO A 83 7.04 -8.80 5.29
CA PRO A 83 7.38 -10.21 5.53
C PRO A 83 8.38 -10.82 4.56
N ARG A 84 9.02 -10.05 3.70
CA ARG A 84 9.97 -10.64 2.74
C ARG A 84 10.89 -9.57 2.20
N PHE A 85 12.19 -9.77 2.38
CA PHE A 85 13.25 -9.06 1.68
C PHE A 85 14.09 -10.08 0.93
N LYS A 86 15.19 -9.62 0.34
CA LYS A 86 16.22 -10.56 -0.13
C LYS A 86 16.63 -11.45 1.03
N ASN A 87 16.78 -12.75 0.75
CA ASN A 87 17.04 -13.69 1.82
C ASN A 87 18.29 -13.32 2.63
N ASP A 88 19.30 -12.74 1.99
CA ASP A 88 20.56 -12.47 2.66
C ASP A 88 20.61 -11.11 3.35
N ILE A 89 19.48 -10.39 3.40
CA ILE A 89 19.49 -9.04 3.95
C ILE A 89 19.98 -9.06 5.40
N ALA A 90 20.82 -8.08 5.75
CA ALA A 90 21.30 -7.96 7.10
C ALA A 90 20.17 -7.59 8.05
N ARG A 91 20.27 -8.06 9.30
CA ARG A 91 19.22 -7.80 10.27
C ARG A 91 19.07 -6.30 10.52
N GLU A 92 20.18 -5.57 10.59
CA GLU A 92 20.10 -4.14 10.88
C GLU A 92 19.38 -3.38 9.77
N ASP A 93 19.44 -3.87 8.53
CA ASP A 93 18.68 -3.25 7.45
C ASP A 93 17.18 -3.42 7.68
N ILE A 94 16.77 -4.54 8.27
CA ILE A 94 15.36 -4.72 8.61
C ILE A 94 14.96 -3.76 9.72
N GLU A 95 15.77 -3.67 10.77
CA GLU A 95 15.43 -2.86 11.93
C GLU A 95 15.36 -1.38 11.59
N VAL A 96 15.98 -0.95 10.49
CA VAL A 96 15.87 0.44 10.06
C VAL A 96 14.41 0.84 9.90
N GLN A 97 13.55 -0.12 9.59
CA GLN A 97 12.12 0.18 9.44
C GLN A 97 11.54 0.84 10.69
N ARG A 98 12.09 0.53 11.87
CA ARG A 98 11.49 0.99 13.12
C ARG A 98 11.50 2.52 13.26
N PHE A 99 12.19 3.24 12.36
CA PHE A 99 12.20 4.69 12.44
C PHE A 99 10.93 5.33 11.88
N VAL A 100 10.06 4.54 11.24
CA VAL A 100 8.82 5.06 10.67
C VAL A 100 7.64 4.51 11.46
N MET A 101 6.56 5.30 11.47
CA MET A 101 5.39 4.99 12.30
C MET A 101 4.85 3.60 12.03
N LEU A 102 4.92 3.14 10.79
CA LEU A 102 4.33 1.84 10.45
C LEU A 102 4.89 0.72 11.31
N ASN A 103 6.15 0.82 11.71
CA ASN A 103 6.84 -0.25 12.43
C ASN A 103 7.12 0.13 13.89
N MET A 104 6.26 0.95 14.48
CA MET A 104 6.34 1.27 15.90
C MET A 104 5.15 0.68 16.64
N ASP A 105 5.40 0.28 17.87
CA ASP A 105 4.35 -0.12 18.79
C ASP A 105 3.98 1.05 19.69
N ALA A 106 2.85 0.91 20.38
CA ALA A 106 2.53 1.85 21.42
C ALA A 106 3.52 1.69 22.57
N PRO A 107 3.81 2.76 23.33
CA PRO A 107 3.20 4.10 23.25
C PRO A 107 3.84 5.03 22.22
N HIS A 108 5.04 4.69 21.72
CA HIS A 108 5.70 5.55 20.75
CA HIS A 108 5.70 5.55 20.75
C HIS A 108 4.82 5.78 19.53
N HIS A 109 4.23 4.71 19.00
CA HIS A 109 3.37 4.85 17.83
C HIS A 109 2.17 5.74 18.11
N THR A 110 1.63 5.66 19.32
CA THR A 110 0.44 6.44 19.66
C THR A 110 0.72 7.94 19.62
N ARG A 111 1.88 8.36 20.16
CA ARG A 111 2.25 9.76 20.11
C ARG A 111 2.41 10.25 18.68
N LEU A 112 3.08 9.45 17.85
CA LEU A 112 3.31 9.85 16.47
C LEU A 112 2.00 9.91 15.68
N ARG A 113 1.20 8.84 15.75
CA ARG A 113 -0.06 8.82 15.04
C ARG A 113 -0.90 10.05 15.38
N LYS A 114 -0.95 10.42 16.65
CA LYS A 114 -1.78 11.55 17.05
C LYS A 114 -1.30 12.84 16.40
N ILE A 115 0.02 13.07 16.39
CA ILE A 115 0.56 14.28 15.76
C ILE A 115 0.31 14.25 14.27
N ILE A 116 0.57 13.11 13.62
CA ILE A 116 0.45 13.01 12.18
C ILE A 116 -1.00 13.06 11.73
N SER A 117 -1.94 12.86 12.65
CA SER A 117 -3.35 12.98 12.30
C SER A 117 -3.71 14.41 11.88
N ARG A 118 -2.95 15.41 12.30
CA ARG A 118 -3.23 16.79 11.91
C ARG A 118 -3.15 16.98 10.41
N GLY A 119 -2.42 16.12 9.71
CA GLY A 119 -2.26 16.22 8.27
C GLY A 119 -3.21 15.36 7.47
N PHE A 120 -4.06 14.56 8.13
CA PHE A 120 -5.04 13.74 7.44
C PHE A 120 -6.45 13.99 7.96
N THR A 121 -6.70 15.15 8.56
CA THR A 121 -8.06 15.53 8.88
C THR A 121 -8.88 15.56 7.60
N PRO A 122 -10.18 15.28 7.68
CA PRO A 122 -11.01 15.35 6.46
C PRO A 122 -10.88 16.68 5.75
N ARG A 123 -10.83 17.78 6.51
CA ARG A 123 -10.66 19.10 5.92
C ARG A 123 -9.36 19.16 5.12
N ALA A 124 -8.25 18.78 5.74
CA ALA A 124 -6.95 18.87 5.08
C ALA A 124 -6.94 18.10 3.77
N VAL A 125 -7.51 16.89 3.76
CA VAL A 125 -7.56 16.11 2.53
C VAL A 125 -8.47 16.77 1.51
N GLY A 126 -9.54 17.44 1.98
CA GLY A 126 -10.46 18.08 1.06
C GLY A 126 -9.84 19.25 0.31
N ARG A 127 -8.91 19.96 0.94
CA ARG A 127 -8.23 21.07 0.29
CA ARG A 127 -8.25 21.07 0.28
C ARG A 127 -7.47 20.61 -0.95
N LEU A 128 -7.14 19.32 -1.05
CA LEU A 128 -6.42 18.79 -2.19
C LEU A 128 -7.33 18.40 -3.34
N HIS A 129 -8.65 18.32 -3.12
CA HIS A 129 -9.56 17.84 -4.15
C HIS A 129 -9.39 18.62 -5.44
N ASP A 130 -9.54 19.95 -5.37
CA ASP A 130 -9.58 20.74 -6.60
C ASP A 130 -8.29 20.63 -7.39
N GLU A 131 -7.14 20.69 -6.70
CA GLU A 131 -5.88 20.62 -7.42
C GLU A 131 -5.66 19.22 -8.00
N LEU A 132 -6.02 18.18 -7.27
CA LEU A 132 -5.84 16.82 -7.78
C LEU A 132 -6.82 16.53 -8.91
N GLN A 133 -8.05 17.03 -8.81
CA GLN A 133 -8.99 16.90 -9.92
C GLN A 133 -8.45 17.57 -11.18
N GLU A 134 -7.89 18.77 -11.03
CA GLU A 134 -7.33 19.47 -12.18
C GLU A 134 -6.23 18.65 -12.85
N ARG A 135 -5.28 18.16 -12.04
CA ARG A 135 -4.17 17.39 -12.61
C ARG A 135 -4.66 16.06 -13.17
N ALA A 136 -5.55 15.38 -12.46
CA ALA A 136 -6.08 14.11 -12.95
C ALA A 136 -6.67 14.26 -14.35
N GLN A 137 -7.42 15.35 -14.58
CA GLN A 137 -7.98 15.58 -15.90
C GLN A 137 -6.87 15.81 -16.93
N ALA A 138 -5.83 16.54 -16.56
CA ALA A 138 -4.76 16.84 -17.51
C ALA A 138 -3.92 15.60 -17.81
N ILE A 139 -3.59 14.81 -16.78
CA ILE A 139 -2.90 13.55 -17.02
C ILE A 139 -3.66 12.72 -18.05
N ALA A 140 -4.97 12.57 -17.84
CA ALA A 140 -5.79 11.80 -18.77
C ALA A 140 -5.71 12.40 -20.18
N ALA A 141 -5.99 13.70 -20.31
CA ALA A 141 -5.91 14.34 -21.61
C ALA A 141 -4.54 14.11 -22.26
N GLU A 142 -3.47 14.18 -21.47
CA GLU A 142 -2.13 14.00 -22.02
C GLU A 142 -1.95 12.59 -22.57
N ALA A 143 -2.43 11.57 -21.84
CA ALA A 143 -2.26 10.19 -22.28
C ALA A 143 -3.08 9.91 -23.53
N ALA A 144 -4.33 10.39 -23.57
CA ALA A 144 -5.16 10.18 -24.75
C ALA A 144 -4.48 10.74 -26.00
N ALA A 145 -3.88 11.93 -25.88
CA ALA A 145 -3.20 12.52 -27.03
C ALA A 145 -2.05 11.65 -27.51
N ALA A 146 -1.40 10.92 -26.60
CA ALA A 146 -0.34 10.00 -26.99
C ALA A 146 -0.86 8.80 -27.77
N GLY A 147 -2.17 8.57 -27.77
CA GLY A 147 -2.75 7.47 -28.53
C GLY A 147 -2.61 6.12 -27.85
N SER A 148 -1.43 5.85 -27.30
CA SER A 148 -1.14 4.57 -26.65
C SER A 148 0.15 4.73 -25.85
N GLY A 149 0.45 3.73 -25.04
CA GLY A 149 1.69 3.71 -24.28
C GLY A 149 1.53 2.95 -22.98
N ASP A 150 2.46 3.20 -22.06
CA ASP A 150 2.49 2.52 -20.77
C ASP A 150 1.46 3.15 -19.84
N PHE A 151 0.36 2.44 -19.60
CA PHE A 151 -0.70 2.96 -18.75
C PHE A 151 -0.19 3.28 -17.36
N VAL A 152 0.74 2.47 -16.85
CA VAL A 152 1.26 2.68 -15.50
C VAL A 152 1.93 4.05 -15.39
N GLU A 153 2.89 4.32 -16.27
CA GLU A 153 3.61 5.58 -16.20
C GLU A 153 2.73 6.75 -16.65
N GLN A 154 1.83 6.54 -17.60
CA GLN A 154 1.07 7.63 -18.19
C GLN A 154 -0.18 8.00 -17.40
N VAL A 155 -0.75 7.07 -16.63
CA VAL A 155 -2.02 7.26 -15.96
C VAL A 155 -1.89 7.02 -14.45
N SER A 156 -1.26 5.91 -14.07
CA SER A 156 -1.27 5.50 -12.66
C SER A 156 -0.20 6.22 -11.84
N CYS A 157 0.92 6.58 -12.45
CA CYS A 157 2.11 6.95 -11.68
C CYS A 157 1.98 8.33 -11.04
N GLU A 158 1.66 9.35 -11.83
CA GLU A 158 1.89 10.72 -11.39
C GLU A 158 0.94 11.13 -10.27
N LEU A 159 -0.37 10.94 -10.46
CA LEU A 159 -1.34 11.55 -9.55
C LEU A 159 -1.11 11.13 -8.10
N PRO A 160 -0.91 9.85 -7.76
CA PRO A 160 -0.62 9.52 -6.36
C PRO A 160 0.52 10.32 -5.78
N LEU A 161 1.56 10.58 -6.59
CA LEU A 161 2.67 11.38 -6.12
C LEU A 161 2.26 12.85 -5.98
N GLN A 162 1.42 13.34 -6.89
CA GLN A 162 0.93 14.71 -6.77
C GLN A 162 0.10 14.89 -5.50
N ALA A 163 -0.56 13.83 -5.04
CA ALA A 163 -1.30 13.91 -3.79
C ALA A 163 -0.36 14.08 -2.60
N ILE A 164 0.72 13.30 -2.56
CA ILE A 164 1.70 13.44 -1.49
C ILE A 164 2.31 14.84 -1.51
N ALA A 165 2.72 15.29 -2.69
CA ALA A 165 3.35 16.60 -2.81
C ALA A 165 2.40 17.71 -2.39
N GLY A 166 1.17 17.69 -2.93
CA GLY A 166 0.20 18.69 -2.54
C GLY A 166 -0.10 18.65 -1.05
N LEU A 167 -0.18 17.45 -0.48
CA LEU A 167 -0.44 17.33 0.95
C LEU A 167 0.68 17.95 1.76
N LEU A 168 1.91 17.81 1.28
CA LEU A 168 3.08 18.36 1.96
C LEU A 168 3.45 19.75 1.46
N GLY A 169 2.69 20.32 0.55
CA GLY A 169 3.02 21.64 0.03
C GLY A 169 4.40 21.72 -0.58
N VAL A 170 4.83 20.67 -1.24
CA VAL A 170 6.17 20.66 -1.86
C VAL A 170 6.17 21.60 -3.05
N PRO A 171 7.14 22.52 -3.14
CA PRO A 171 7.18 23.41 -4.32
C PRO A 171 7.22 22.61 -5.61
N GLN A 172 6.72 23.24 -6.68
CA GLN A 172 6.65 22.56 -7.97
C GLN A 172 8.03 22.13 -8.43
N GLU A 173 9.00 23.06 -8.45
CA GLU A 173 10.33 22.77 -8.97
C GLU A 173 11.00 21.61 -8.24
N ASP A 174 10.61 21.34 -7.00
CA ASP A 174 11.20 20.26 -6.22
C ASP A 174 10.53 18.91 -6.47
N ARG A 175 9.37 18.89 -7.13
CA ARG A 175 8.59 17.66 -7.20
C ARG A 175 9.25 16.61 -8.07
N GLY A 176 9.95 17.03 -9.13
CA GLY A 176 10.63 16.08 -10.00
C GLY A 176 11.57 15.15 -9.27
N LYS A 177 12.54 15.72 -8.55
CA LYS A 177 13.49 14.90 -7.80
C LYS A 177 12.78 14.17 -6.65
N LEU A 178 11.79 14.81 -6.03
CA LEU A 178 11.05 14.15 -4.96
C LEU A 178 10.39 12.87 -5.47
N PHE A 179 9.81 12.92 -6.66
CA PHE A 179 9.20 11.73 -7.23
C PHE A 179 10.25 10.69 -7.60
N HIS A 180 11.39 11.15 -8.12
CA HIS A 180 12.49 10.23 -8.41
C HIS A 180 12.86 9.41 -7.18
N TRP A 181 13.13 10.09 -6.06
CA TRP A 181 13.52 9.38 -4.85
C TRP A 181 12.42 8.44 -4.37
N SER A 182 11.18 8.92 -4.34
CA SER A 182 10.08 8.11 -3.83
C SER A 182 9.91 6.82 -4.61
N ASN A 183 10.18 6.85 -5.92
CA ASN A 183 9.99 5.69 -6.77
C ASN A 183 11.14 4.69 -6.68
N GLU A 184 12.24 5.04 -6.01
CA GLU A 184 13.38 4.14 -5.85
C GLU A 184 13.40 3.48 -4.47
N MET A 185 12.27 3.45 -3.76
CA MET A 185 12.25 2.96 -2.40
C MET A 185 11.97 1.46 -2.30
N THR A 186 11.22 0.89 -3.25
CA THR A 186 10.86 -0.52 -3.19
C THR A 186 10.97 -1.14 -4.58
N GLY A 187 10.87 -2.47 -4.62
CA GLY A 187 11.08 -3.21 -5.85
C GLY A 187 12.50 -3.69 -6.06
N ASN A 188 13.33 -3.69 -5.02
N ASN A 188 13.33 -3.69 -5.02
CA ASN A 188 14.73 -4.06 -5.17
CA ASN A 188 14.73 -4.07 -5.17
C ASN A 188 14.90 -5.50 -5.66
C ASN A 188 14.87 -5.48 -5.72
N GLU A 189 13.91 -6.36 -5.44
CA GLU A 189 14.03 -7.77 -5.83
C GLU A 189 13.70 -8.02 -7.29
N ASP A 190 13.03 -7.08 -7.96
CA ASP A 190 12.72 -7.27 -9.37
C ASP A 190 13.95 -6.98 -10.22
N PRO A 191 14.25 -7.82 -11.21
CA PRO A 191 15.48 -7.59 -12.00
C PRO A 191 15.51 -6.27 -12.73
N GLU A 192 14.34 -5.67 -13.00
CA GLU A 192 14.30 -4.37 -13.65
C GLU A 192 14.83 -3.27 -12.75
N TYR A 193 14.85 -3.49 -11.44
CA TYR A 193 15.26 -2.47 -10.46
C TYR A 193 16.33 -3.00 -9.52
N ALA A 194 17.17 -3.94 -9.98
CA ALA A 194 18.22 -4.45 -9.11
C ALA A 194 19.24 -3.37 -8.78
N HIS A 195 19.45 -2.42 -9.70
CA HIS A 195 20.45 -1.37 -9.53
C HIS A 195 20.04 -0.28 -8.54
N ILE A 196 18.77 -0.23 -8.12
CA ILE A 196 18.33 0.86 -7.24
C ILE A 196 18.84 0.62 -5.82
N ASP A 197 19.19 1.70 -5.14
CA ASP A 197 19.64 1.66 -3.74
C ASP A 197 18.60 2.38 -2.89
N PRO A 198 17.61 1.67 -2.33
CA PRO A 198 16.62 2.35 -1.49
C PRO A 198 17.22 3.10 -0.30
N LYS A 199 18.45 2.76 0.11
CA LYS A 199 19.06 3.44 1.24
C LYS A 199 19.58 4.82 0.85
N ALA A 200 20.12 4.96 -0.36
CA ALA A 200 20.63 6.25 -0.80
C ALA A 200 19.49 7.25 -0.99
N SER A 201 18.47 6.88 -1.77
CA SER A 201 17.39 7.82 -2.04
C SER A 201 16.61 8.17 -0.77
N SER A 202 16.57 7.26 0.20
CA SER A 202 15.92 7.57 1.46
C SER A 202 16.65 8.67 2.20
N ALA A 203 17.99 8.59 2.24
CA ALA A 203 18.77 9.64 2.88
C ALA A 203 18.58 10.97 2.16
N GLU A 204 18.51 10.95 0.83
CA GLU A 204 18.19 12.18 0.10
C GLU A 204 16.79 12.66 0.44
N LEU A 205 15.87 11.74 0.72
CA LEU A 205 14.50 12.13 1.07
C LEU A 205 14.47 12.78 2.45
N ILE A 206 15.13 12.16 3.43
CA ILE A 206 15.15 12.71 4.78
C ILE A 206 15.85 14.06 4.79
N GLY A 207 17.01 14.15 4.13
CA GLY A 207 17.73 15.41 4.08
C GLY A 207 16.86 16.55 3.57
N TYR A 208 16.08 16.30 2.51
CA TYR A 208 15.21 17.34 1.98
C TYR A 208 14.05 17.63 2.93
N ALA A 209 13.48 16.60 3.53
CA ALA A 209 12.36 16.81 4.45
C ALA A 209 12.80 17.58 5.69
N MET A 210 13.93 17.20 6.28
CA MET A 210 14.44 17.93 7.43
C MET A 210 14.77 19.36 7.05
N LYS A 211 15.36 19.57 5.88
CA LYS A 211 15.58 20.93 5.39
C LYS A 211 14.26 21.69 5.31
N MET A 212 13.23 21.06 4.76
CA MET A 212 11.93 21.71 4.67
C MET A 212 11.38 22.09 6.04
N ALA A 213 11.63 21.24 7.04
CA ALA A 213 11.03 21.46 8.35
C ALA A 213 11.64 22.68 9.05
N GLU A 214 12.96 22.87 8.92
CA GLU A 214 13.58 24.01 9.61
C GLU A 214 13.25 25.33 8.93
N GLU A 215 12.98 25.32 7.61
CA GLU A 215 12.56 26.54 6.94
C GLU A 215 11.19 26.98 7.43
N LYS A 216 10.26 26.03 7.58
CA LYS A 216 8.90 26.38 7.98
C LYS A 216 8.88 26.93 9.41
N ALA A 217 9.73 26.41 10.29
CA ALA A 217 9.79 26.94 11.64
C ALA A 217 10.16 28.42 11.64
N LYS A 218 11.03 28.84 10.71
CA LYS A 218 11.44 30.23 10.65
C LYS A 218 10.43 31.08 9.87
N ASN A 219 9.69 30.50 8.93
CA ASN A 219 8.69 31.21 8.13
C ASN A 219 7.38 30.43 8.16
N PRO A 220 6.76 30.32 9.33
CA PRO A 220 5.56 29.49 9.46
C PRO A 220 4.38 30.07 8.69
N ALA A 221 3.80 29.26 7.81
CA ALA A 221 2.58 29.56 7.08
C ALA A 221 1.51 28.54 7.44
N ASP A 222 0.32 28.72 6.88
CA ASP A 222 -0.78 27.78 7.11
C ASP A 222 -0.68 26.67 6.07
N ASP A 223 -0.22 25.52 6.50
CA ASP A 223 -0.21 24.30 5.69
C ASP A 223 0.05 23.13 6.64
N ILE A 224 0.04 21.93 6.08
CA ILE A 224 0.15 20.74 6.94
C ILE A 224 1.53 20.65 7.59
N VAL A 225 2.58 21.05 6.86
CA VAL A 225 3.93 20.90 7.41
C VAL A 225 4.10 21.75 8.65
N THR A 226 3.56 22.98 8.64
CA THR A 226 3.72 23.87 9.78
C THR A 226 3.00 23.33 11.01
N GLN A 227 1.77 22.83 10.83
CA GLN A 227 1.03 22.27 11.96
C GLN A 227 1.73 21.06 12.56
N LEU A 228 2.55 20.36 11.76
CA LEU A 228 3.19 19.14 12.25
C LEU A 228 4.42 19.44 13.09
N ILE A 229 5.11 20.55 12.84
CA ILE A 229 6.34 20.88 13.56
C ILE A 229 6.11 21.95 14.62
N GLN A 230 4.87 22.27 14.93
CA GLN A 230 4.53 23.24 15.97
C GLN A 230 3.82 22.54 17.12
N ALA A 231 4.19 22.89 18.34
CA ALA A 231 3.65 22.23 19.52
C ALA A 231 2.15 22.49 19.64
N ASP A 232 1.39 21.43 19.89
CA ASP A 232 -0.02 21.56 20.18
C ASP A 232 -0.22 21.95 21.64
N ILE A 233 -1.48 22.02 22.06
CA ILE A 233 -1.84 22.34 23.44
C ILE A 233 -1.14 21.40 24.40
N ASP A 234 -0.74 20.22 23.91
CA ASP A 234 -0.04 19.23 24.72
C ASP A 234 1.47 19.41 24.70
N GLY A 235 2.00 20.34 23.92
CA GLY A 235 3.43 20.45 23.77
C GLY A 235 4.04 19.42 22.86
N GLU A 236 3.23 18.73 22.06
CA GLU A 236 3.68 17.65 21.20
C GLU A 236 3.83 18.15 19.77
N LYS A 237 4.83 17.62 19.08
CA LYS A 237 5.08 18.00 17.69
C LYS A 237 6.14 17.05 17.14
N LEU A 238 6.37 17.15 15.83
CA LEU A 238 7.38 16.34 15.16
C LEU A 238 8.73 17.05 15.22
N SER A 239 9.73 16.37 15.74
CA SER A 239 11.09 16.85 15.57
C SER A 239 11.46 16.81 14.10
N ASP A 240 12.53 17.54 13.75
CA ASP A 240 12.93 17.63 12.35
C ASP A 240 13.13 16.25 11.73
N ASP A 241 13.80 15.35 12.45
CA ASP A 241 14.06 14.03 11.91
C ASP A 241 12.80 13.17 11.89
N GLU A 242 11.91 13.35 12.87
CA GLU A 242 10.65 12.61 12.85
C GLU A 242 9.81 13.03 11.65
N PHE A 243 9.81 14.32 11.31
CA PHE A 243 9.17 14.73 10.07
C PHE A 243 9.85 14.12 8.86
N GLY A 244 11.18 13.93 8.92
CA GLY A 244 11.88 13.29 7.82
C GLY A 244 11.48 11.83 7.65
N PHE A 245 11.33 11.11 8.77
CA PHE A 245 10.84 9.73 8.69
C PHE A 245 9.36 9.68 8.31
N PHE A 246 8.61 10.75 8.58
CA PHE A 246 7.24 10.82 8.09
C PHE A 246 7.21 10.90 6.58
N VAL A 247 8.03 11.78 5.99
CA VAL A 247 8.06 11.92 4.54
C VAL A 247 8.51 10.62 3.88
N VAL A 248 9.59 10.01 4.40
CA VAL A 248 10.06 8.75 3.85
C VAL A 248 8.95 7.71 3.86
N MET A 249 8.10 7.74 4.89
CA MET A 249 7.00 6.78 4.97
C MET A 249 5.98 7.04 3.88
N LEU A 250 5.58 8.29 3.70
CA LEU A 250 4.61 8.62 2.66
C LEU A 250 5.13 8.25 1.28
N ALA A 251 6.42 8.49 1.03
CA ALA A 251 6.98 8.28 -0.30
C ALA A 251 6.71 6.89 -0.84
N VAL A 252 6.39 5.93 0.02
CA VAL A 252 6.07 4.57 -0.38
C VAL A 252 4.66 4.17 0.04
N ALA A 253 4.22 4.58 1.23
CA ALA A 253 2.92 4.17 1.73
C ALA A 253 1.78 4.68 0.86
N GLY A 254 1.98 5.82 0.19
CA GLY A 254 0.95 6.39 -0.66
C GLY A 254 1.37 6.48 -2.11
N ASN A 255 2.43 5.77 -2.47
CA ASN A 255 2.97 5.83 -3.83
C ASN A 255 2.59 4.58 -4.62
N GLU A 256 3.34 3.49 -4.44
CA GLU A 256 3.08 2.29 -5.20
C GLU A 256 1.78 1.61 -4.81
N THR A 257 1.22 1.95 -3.64
CA THR A 257 -0.06 1.38 -3.23
C THR A 257 -1.18 1.91 -4.10
N THR A 258 -1.40 3.23 -4.08
CA THR A 258 -2.46 3.82 -4.90
C THR A 258 -2.22 3.56 -6.38
N ARG A 259 -0.96 3.58 -6.81
CA ARG A 259 -0.65 3.34 -8.21
C ARG A 259 -1.16 1.97 -8.67
N ASN A 260 -0.76 0.92 -7.95
CA ASN A 260 -1.15 -0.44 -8.33
C ASN A 260 -2.66 -0.64 -8.25
N SER A 261 -3.37 0.14 -7.44
CA SER A 261 -4.82 0.02 -7.42
C SER A 261 -5.45 0.64 -8.66
N ILE A 262 -4.86 1.73 -9.16
CA ILE A 262 -5.35 2.31 -10.41
C ILE A 262 -5.12 1.34 -11.57
N THR A 263 -3.93 0.75 -11.64
CA THR A 263 -3.61 -0.16 -12.72
C THR A 263 -4.51 -1.38 -12.70
N GLN A 264 -4.54 -2.09 -11.57
CA GLN A 264 -5.35 -3.30 -11.49
C GLN A 264 -6.84 -2.97 -11.53
N GLY A 265 -7.23 -1.77 -11.12
CA GLY A 265 -8.61 -1.36 -11.29
C GLY A 265 -9.00 -1.25 -12.74
N MET A 266 -8.14 -0.65 -13.57
CA MET A 266 -8.40 -0.59 -15.00
C MET A 266 -8.32 -1.98 -15.63
N MET A 267 -7.38 -2.80 -15.18
CA MET A 267 -7.32 -4.18 -15.65
C MET A 267 -8.64 -4.89 -15.37
N ALA A 268 -9.23 -4.67 -14.20
CA ALA A 268 -10.50 -5.32 -13.86
C ALA A 268 -11.63 -4.80 -14.73
N PHE A 269 -11.61 -3.50 -15.04
CA PHE A 269 -12.64 -2.95 -15.92
C PHE A 269 -12.55 -3.55 -17.32
N ALA A 270 -11.33 -3.82 -17.79
CA ALA A 270 -11.17 -4.49 -19.07
C ALA A 270 -11.72 -5.91 -19.02
N GLU A 271 -11.47 -6.62 -17.91
CA GLU A 271 -11.99 -7.97 -17.76
C GLU A 271 -13.50 -7.99 -17.70
N HIS A 272 -14.12 -6.93 -17.16
CA HIS A 272 -15.55 -6.90 -16.87
C HIS A 272 -16.17 -5.70 -17.57
N PRO A 273 -16.43 -5.79 -18.87
CA PRO A 273 -16.96 -4.62 -19.59
C PRO A 273 -18.26 -4.10 -19.01
N ASP A 274 -19.12 -4.99 -18.52
CA ASP A 274 -20.36 -4.57 -17.89
C ASP A 274 -20.09 -3.52 -16.81
N GLN A 275 -19.12 -3.81 -15.93
CA GLN A 275 -18.82 -2.87 -14.86
C GLN A 275 -18.22 -1.58 -15.40
N TRP A 276 -17.53 -1.63 -16.54
CA TRP A 276 -16.91 -0.43 -17.09
C TRP A 276 -17.95 0.49 -17.73
N GLU A 277 -18.91 -0.07 -18.46
CA GLU A 277 -20.01 0.75 -18.98
C GLU A 277 -20.80 1.36 -17.85
N LEU A 278 -21.07 0.57 -16.81
CA LEU A 278 -21.77 1.09 -15.63
C LEU A 278 -21.03 2.27 -15.03
N TYR A 279 -19.71 2.12 -14.81
CA TYR A 279 -18.96 3.20 -14.19
C TYR A 279 -19.06 4.49 -14.99
N LYS A 280 -18.82 4.40 -16.31
CA LYS A 280 -18.79 5.59 -17.14
C LYS A 280 -20.10 6.36 -17.07
N LYS A 281 -21.21 5.67 -16.82
CA LYS A 281 -22.52 6.33 -16.82
C LYS A 281 -22.80 7.01 -15.48
N VAL A 282 -22.58 6.30 -14.38
CA VAL A 282 -22.99 6.79 -13.07
C VAL A 282 -21.82 7.25 -12.20
N ARG A 283 -20.59 6.86 -12.53
CA ARG A 283 -19.40 7.31 -11.81
C ARG A 283 -19.54 7.09 -10.30
N PRO A 284 -19.88 5.89 -9.86
CA PRO A 284 -20.10 5.67 -8.42
C PRO A 284 -18.78 5.67 -7.67
N GLU A 285 -18.75 6.39 -6.56
CA GLU A 285 -17.53 6.46 -5.76
C GLU A 285 -17.32 5.21 -4.91
N THR A 286 -18.31 4.31 -4.82
CA THR A 286 -18.08 3.01 -4.20
C THR A 286 -17.11 2.17 -5.03
N ALA A 287 -16.87 2.56 -6.29
CA ALA A 287 -15.91 1.82 -7.12
C ALA A 287 -14.53 1.80 -6.48
N ALA A 288 -14.14 2.90 -5.83
CA ALA A 288 -12.80 2.98 -5.24
C ALA A 288 -12.56 1.82 -4.29
N ASP A 289 -13.50 1.58 -3.38
CA ASP A 289 -13.31 0.51 -2.40
C ASP A 289 -13.32 -0.86 -3.05
N GLU A 290 -14.13 -1.05 -4.11
CA GLU A 290 -14.11 -2.32 -4.82
C GLU A 290 -12.81 -2.47 -5.62
N ILE A 291 -12.26 -1.37 -6.13
CA ILE A 291 -10.99 -1.45 -6.83
C ILE A 291 -9.87 -1.80 -5.86
N VAL A 292 -9.93 -1.24 -4.64
CA VAL A 292 -8.90 -1.56 -3.65
C VAL A 292 -9.03 -3.02 -3.20
N ARG A 293 -10.25 -3.48 -2.95
CA ARG A 293 -10.45 -4.89 -2.61
C ARG A 293 -9.96 -5.79 -3.74
N TRP A 294 -10.27 -5.42 -4.99
CA TRP A 294 -9.85 -6.24 -6.12
C TRP A 294 -8.34 -6.19 -6.31
N ALA A 295 -7.74 -5.03 -6.09
CA ALA A 295 -6.32 -4.86 -6.34
C ALA A 295 -5.46 -5.34 -5.17
N THR A 296 -5.91 -5.10 -3.94
CA THR A 296 -5.18 -5.40 -2.71
C THR A 296 -3.69 -5.12 -2.91
N PRO A 297 -3.31 -3.85 -3.12
CA PRO A 297 -1.92 -3.54 -3.49
C PRO A 297 -0.89 -4.05 -2.50
N VAL A 298 -1.25 -4.16 -1.22
CA VAL A 298 -0.39 -4.75 -0.21
C VAL A 298 -0.91 -6.17 0.01
N THR A 299 -0.23 -7.15 -0.60
CA THR A 299 -0.65 -8.53 -0.45
C THR A 299 -0.66 -8.98 1.01
N ALA A 300 0.28 -8.48 1.81
CA ALA A 300 0.37 -8.96 3.18
C ALA A 300 1.32 -8.10 4.01
N PHE A 301 0.95 -7.90 5.26
CA PHE A 301 1.85 -7.41 6.30
C PHE A 301 1.88 -8.43 7.42
N GLN A 302 2.96 -8.41 8.20
CA GLN A 302 3.16 -9.38 9.28
C GLN A 302 3.12 -8.67 10.63
N ARG A 303 2.97 -9.48 11.67
CA ARG A 303 3.15 -9.05 13.05
C ARG A 303 3.94 -10.13 13.77
N THR A 304 4.37 -9.82 15.00
CA THR A 304 5.10 -10.76 15.83
C THR A 304 4.41 -10.87 17.17
N ALA A 305 4.17 -12.11 17.61
CA ALA A 305 3.49 -12.36 18.88
C ALA A 305 4.45 -12.11 20.03
N LEU A 306 4.06 -11.22 20.94
CA LEU A 306 4.88 -10.94 22.12
C LEU A 306 4.63 -11.92 23.26
N ARG A 307 3.50 -12.61 23.25
CA ARG A 307 3.19 -13.64 24.23
C ARG A 307 2.36 -14.72 23.56
N ASP A 308 2.22 -15.85 24.25
CA ASP A 308 1.38 -16.92 23.74
C ASP A 308 -0.04 -16.40 23.53
N TYR A 309 -0.68 -16.86 22.46
CA TYR A 309 -2.00 -16.37 22.09
C TYR A 309 -2.74 -17.46 21.33
N GLU A 310 -3.96 -17.76 21.76
CA GLU A 310 -4.83 -18.69 21.04
C GLU A 310 -5.71 -17.90 20.09
N LEU A 311 -5.55 -18.15 18.79
CA LEU A 311 -6.29 -17.47 17.73
C LEU A 311 -7.07 -18.52 16.95
N SER A 312 -8.39 -18.47 17.04
CA SER A 312 -9.27 -19.39 16.33
C SER A 312 -8.84 -20.85 16.53
N GLY A 313 -8.63 -21.21 17.80
CA GLY A 313 -8.29 -22.58 18.13
C GLY A 313 -6.87 -23.00 17.79
N VAL A 314 -6.02 -22.07 17.38
CA VAL A 314 -4.64 -22.36 17.02
C VAL A 314 -3.73 -21.63 18.00
N GLN A 315 -2.79 -22.37 18.60
CA GLN A 315 -1.88 -21.79 19.57
C GLN A 315 -0.76 -21.06 18.83
N ILE A 316 -0.62 -19.77 19.08
CA ILE A 316 0.48 -18.96 18.57
C ILE A 316 1.46 -18.72 19.72
N ALA A 317 2.73 -19.03 19.49
CA ALA A 317 3.75 -18.95 20.53
C ALA A 317 4.52 -17.64 20.43
N ALA A 318 4.99 -17.17 21.59
CA ALA A 318 5.71 -15.90 21.66
C ALA A 318 6.92 -15.92 20.74
N GLY A 319 7.09 -14.84 19.98
CA GLY A 319 8.19 -14.70 19.04
C GLY A 319 7.85 -15.10 17.62
N GLN A 320 6.81 -15.90 17.43
CA GLN A 320 6.44 -16.36 16.11
C GLN A 320 5.79 -15.23 15.30
N ARG A 321 5.93 -15.30 13.99
CA ARG A 321 5.38 -14.31 13.08
C ARG A 321 4.04 -14.79 12.54
N VAL A 322 3.10 -13.86 12.40
CA VAL A 322 1.83 -14.11 11.73
C VAL A 322 1.75 -13.14 10.55
N VAL A 323 1.43 -13.67 9.38
CA VAL A 323 1.43 -12.91 8.14
C VAL A 323 -0.03 -12.79 7.68
N MET A 324 -0.57 -11.58 7.79
CA MET A 324 -1.94 -11.30 7.38
C MET A 324 -1.97 -11.17 5.86
N PHE A 325 -2.58 -12.13 5.19
CA PHE A 325 -2.66 -12.12 3.73
C PHE A 325 -3.94 -11.41 3.33
N TYR A 326 -3.85 -10.09 3.16
CA TYR A 326 -5.01 -9.31 2.76
C TYR A 326 -5.59 -9.80 1.44
N ARG A 327 -4.73 -10.27 0.53
CA ARG A 327 -5.21 -10.80 -0.74
C ARG A 327 -6.18 -11.95 -0.52
N SER A 328 -6.01 -12.71 0.57
CA SER A 328 -6.92 -13.80 0.88
C SER A 328 -8.14 -13.30 1.65
N ALA A 329 -7.94 -12.45 2.65
CA ALA A 329 -9.06 -11.97 3.44
C ALA A 329 -10.06 -11.22 2.58
N ASN A 330 -9.58 -10.48 1.58
CA ASN A 330 -10.47 -9.70 0.72
C ASN A 330 -11.29 -10.56 -0.23
N PHE A 331 -11.08 -11.86 -0.24
CA PHE A 331 -11.90 -12.79 -1.02
C PHE A 331 -12.42 -13.91 -0.13
N ASP A 332 -12.62 -13.60 1.14
CA ASP A 332 -13.19 -14.54 2.09
C ASP A 332 -14.67 -14.75 1.79
N GLU A 333 -15.05 -15.98 1.43
CA GLU A 333 -16.43 -16.28 1.09
C GLU A 333 -17.36 -16.08 2.28
N GLU A 334 -16.81 -15.98 3.49
CA GLU A 334 -17.64 -15.87 4.69
C GLU A 334 -18.22 -14.47 4.88
N VAL A 335 -17.51 -13.44 4.43
CA VAL A 335 -17.96 -12.07 4.61
C VAL A 335 -18.45 -11.41 3.33
N PHE A 336 -18.08 -11.95 2.16
CA PHE A 336 -18.43 -11.34 0.88
C PHE A 336 -19.41 -12.24 0.14
N GLN A 337 -20.45 -11.63 -0.42
CA GLN A 337 -21.34 -12.31 -1.35
C GLN A 337 -20.73 -12.23 -2.74
N ASP A 338 -20.22 -13.36 -3.23
CA ASP A 338 -19.54 -13.40 -4.52
C ASP A 338 -18.25 -12.61 -4.43
N PRO A 339 -17.30 -13.04 -3.59
CA PRO A 339 -16.04 -12.30 -3.50
C PRO A 339 -15.32 -12.17 -4.82
N PHE A 340 -15.45 -13.17 -5.70
CA PHE A 340 -14.79 -13.16 -6.99
C PHE A 340 -15.63 -12.47 -8.07
N THR A 341 -16.67 -11.75 -7.68
CA THR A 341 -17.41 -10.88 -8.57
C THR A 341 -16.90 -9.46 -8.41
N PHE A 342 -16.51 -8.84 -9.52
CA PHE A 342 -16.14 -7.43 -9.52
C PHE A 342 -17.42 -6.61 -9.60
N ASN A 343 -17.78 -5.96 -8.49
CA ASN A 343 -19.04 -5.24 -8.36
C ASN A 343 -18.73 -3.88 -7.75
N ILE A 344 -18.63 -2.85 -8.60
CA ILE A 344 -18.23 -1.52 -8.15
C ILE A 344 -19.31 -0.86 -7.31
N LEU A 345 -20.50 -1.43 -7.24
CA LEU A 345 -21.56 -0.92 -6.36
C LEU A 345 -21.54 -1.58 -4.98
N ARG A 346 -20.68 -2.57 -4.78
CA ARG A 346 -20.62 -3.30 -3.51
C ARG A 346 -20.70 -2.35 -2.34
N ASN A 347 -21.73 -2.52 -1.51
CA ASN A 347 -21.99 -1.63 -0.40
C ASN A 347 -22.87 -2.34 0.61
N PRO A 348 -22.46 -2.46 1.88
CA PRO A 348 -21.15 -2.05 2.39
C PRO A 348 -20.05 -2.93 1.84
N ASN A 349 -18.79 -2.52 2.02
CA ASN A 349 -17.64 -3.22 1.46
C ASN A 349 -16.54 -3.25 2.52
N PRO A 350 -16.54 -4.24 3.41
CA PRO A 350 -15.60 -4.22 4.53
C PRO A 350 -14.26 -4.86 4.21
N HIS A 351 -13.70 -4.55 3.04
CA HIS A 351 -12.41 -5.08 2.67
C HIS A 351 -11.33 -4.59 3.63
N VAL A 352 -10.22 -5.31 3.65
CA VAL A 352 -9.08 -4.97 4.49
C VAL A 352 -7.88 -4.54 3.64
N GLY A 353 -8.13 -4.04 2.42
CA GLY A 353 -7.04 -3.53 1.60
C GLY A 353 -6.25 -2.43 2.29
N PHE A 354 -6.93 -1.64 3.12
CA PHE A 354 -6.27 -0.66 3.98
C PHE A 354 -5.87 -1.24 5.32
N GLY A 355 -5.89 -2.56 5.46
CA GLY A 355 -5.61 -3.21 6.72
C GLY A 355 -6.88 -3.48 7.51
N GLY A 356 -6.72 -4.30 8.55
CA GLY A 356 -7.78 -4.49 9.52
C GLY A 356 -7.86 -3.29 10.45
N THR A 357 -9.08 -2.95 10.83
CA THR A 357 -9.27 -1.81 11.73
C THR A 357 -8.43 -1.98 12.98
N GLY A 358 -7.87 -0.88 13.45
CA GLY A 358 -6.98 -0.91 14.60
C GLY A 358 -5.99 0.24 14.52
N ALA A 359 -4.98 0.14 15.39
CA ALA A 359 -4.07 1.26 15.60
C ALA A 359 -3.40 1.71 14.30
N HIS A 360 -3.04 0.76 13.43
CA HIS A 360 -2.24 1.05 12.24
C HIS A 360 -3.08 1.20 10.98
N TYR A 361 -4.41 1.24 11.09
CA TYR A 361 -5.26 1.34 9.90
C TYR A 361 -4.84 2.54 9.05
N CYS A 362 -4.76 2.32 7.74
CA CYS A 362 -4.18 3.31 6.83
C CYS A 362 -4.73 4.70 7.09
N ILE A 363 -3.83 5.60 7.51
CA ILE A 363 -4.25 6.99 7.74
C ILE A 363 -4.63 7.67 6.43
N GLY A 364 -4.12 7.19 5.30
CA GLY A 364 -4.39 7.81 4.02
C GLY A 364 -5.50 7.14 3.24
N ALA A 365 -6.35 6.38 3.93
CA ALA A 365 -7.38 5.60 3.24
C ALA A 365 -8.27 6.49 2.39
N ASN A 366 -8.78 7.58 2.98
CA ASN A 366 -9.72 8.44 2.25
C ASN A 366 -9.02 9.27 1.19
N LEU A 367 -7.76 9.66 1.41
CA LEU A 367 -7.01 10.31 0.34
C LEU A 367 -6.85 9.38 -0.85
N ALA A 368 -6.54 8.11 -0.60
CA ALA A 368 -6.43 7.14 -1.68
C ALA A 368 -7.77 6.99 -2.41
N ARG A 369 -8.87 6.87 -1.65
CA ARG A 369 -10.18 6.74 -2.26
C ARG A 369 -10.44 7.91 -3.21
N MET A 370 -10.13 9.13 -2.78
CA MET A 370 -10.37 10.29 -3.62
C MET A 370 -9.46 10.30 -4.84
N THR A 371 -8.18 9.94 -4.67
CA THR A 371 -7.27 9.85 -5.81
C THR A 371 -7.82 8.89 -6.86
N ILE A 372 -8.30 7.72 -6.42
CA ILE A 372 -8.79 6.72 -7.36
C ILE A 372 -10.01 7.24 -8.10
N ASN A 373 -10.95 7.84 -7.37
CA ASN A 373 -12.18 8.32 -7.99
C ASN A 373 -11.88 9.42 -9.01
N LEU A 374 -11.00 10.36 -8.67
CA LEU A 374 -10.73 11.48 -9.56
C LEU A 374 -10.09 11.02 -10.86
N ILE A 375 -9.20 10.04 -10.80
CA ILE A 375 -8.44 9.66 -11.99
C ILE A 375 -9.30 8.81 -12.93
N PHE A 376 -10.18 7.97 -12.40
CA PHE A 376 -11.02 7.16 -13.27
C PHE A 376 -12.11 7.99 -13.93
N ASN A 377 -12.64 8.99 -13.23
CA ASN A 377 -13.50 9.97 -13.88
C ASN A 377 -12.80 10.61 -15.07
N ALA A 378 -11.49 10.89 -14.92
CA ALA A 378 -10.72 11.48 -16.01
C ALA A 378 -10.48 10.47 -17.13
N VAL A 379 -10.23 9.21 -16.78
CA VAL A 379 -10.10 8.17 -17.78
C VAL A 379 -11.39 8.07 -18.60
N ALA A 380 -12.54 8.15 -17.93
CA ALA A 380 -13.81 8.07 -18.64
C ALA A 380 -14.04 9.31 -19.50
N ASP A 381 -13.62 10.48 -19.01
CA ASP A 381 -13.86 11.71 -19.76
C ASP A 381 -12.98 11.78 -21.01
N HIS A 382 -11.77 11.21 -20.96
CA HIS A 382 -10.76 11.45 -21.99
C HIS A 382 -10.38 10.22 -22.80
N MET A 383 -10.72 9.01 -22.37
CA MET A 383 -10.36 7.81 -23.11
C MET A 383 -11.28 6.66 -22.75
N PRO A 384 -12.59 6.79 -23.02
CA PRO A 384 -13.53 5.76 -22.55
C PRO A 384 -13.44 4.44 -23.29
N ASP A 385 -12.86 4.41 -24.50
CA ASP A 385 -12.80 3.19 -25.31
C ASP A 385 -11.39 2.62 -25.38
N LEU A 386 -10.63 2.73 -24.30
CA LEU A 386 -9.28 2.18 -24.28
C LEU A 386 -9.32 0.66 -24.16
N LYS A 387 -8.37 0.00 -24.83
CA LYS A 387 -8.28 -1.45 -24.85
C LYS A 387 -6.82 -1.86 -24.63
N PRO A 388 -6.58 -2.93 -23.88
CA PRO A 388 -5.20 -3.37 -23.67
C PRO A 388 -4.56 -3.86 -24.96
N ILE A 389 -3.25 -3.70 -25.03
CA ILE A 389 -2.45 -4.18 -26.16
C ILE A 389 -1.76 -5.49 -25.84
N SER A 390 -1.13 -5.58 -24.67
CA SER A 390 -0.42 -6.77 -24.24
C SER A 390 -0.69 -7.01 -22.76
N ALA A 391 -0.34 -8.20 -22.31
CA ALA A 391 -0.57 -8.56 -20.91
C ALA A 391 0.27 -7.68 -19.99
N PRO A 392 -0.24 -7.37 -18.80
CA PRO A 392 0.55 -6.57 -17.86
C PRO A 392 1.78 -7.33 -17.38
N GLU A 393 2.77 -6.55 -16.95
CA GLU A 393 4.03 -7.08 -16.43
C GLU A 393 4.01 -6.98 -14.92
N ARG A 394 4.00 -8.12 -14.24
CA ARG A 394 3.92 -8.12 -12.78
C ARG A 394 5.29 -7.90 -12.15
N LEU A 395 5.28 -7.41 -10.92
CA LEU A 395 6.48 -7.09 -10.16
C LEU A 395 6.87 -8.25 -9.26
N ARG A 396 8.16 -8.55 -9.22
CA ARG A 396 8.68 -9.61 -8.35
C ARG A 396 8.82 -9.06 -6.94
N SER A 397 7.85 -9.37 -6.09
CA SER A 397 7.86 -8.90 -4.71
C SER A 397 7.17 -9.93 -3.83
N GLY A 398 7.64 -10.04 -2.59
CA GLY A 398 7.07 -10.96 -1.63
C GLY A 398 5.89 -10.44 -0.85
N TRP A 399 5.62 -9.14 -0.92
CA TRP A 399 4.49 -8.55 -0.20
C TRP A 399 3.72 -7.51 -1.00
N LEU A 400 4.33 -6.84 -1.97
CA LEU A 400 3.63 -5.92 -2.84
C LEU A 400 3.04 -6.68 -4.02
N ASN A 401 1.83 -6.28 -4.42
CA ASN A 401 1.18 -6.80 -5.61
C ASN A 401 1.25 -5.69 -6.66
N GLY A 402 2.33 -5.66 -7.41
CA GLY A 402 2.67 -4.55 -8.28
C GLY A 402 2.55 -4.87 -9.75
N ILE A 403 2.30 -3.83 -10.54
CA ILE A 403 2.27 -3.90 -12.00
C ILE A 403 3.28 -2.89 -12.52
N LYS A 404 4.32 -3.38 -13.18
CA LYS A 404 5.38 -2.50 -13.67
C LYS A 404 4.96 -1.76 -14.93
N HIS A 405 4.36 -2.47 -15.89
CA HIS A 405 4.05 -1.90 -17.18
C HIS A 405 2.77 -2.54 -17.72
N TRP A 406 2.09 -1.80 -18.58
CA TRP A 406 0.85 -2.30 -19.20
C TRP A 406 0.60 -1.47 -20.45
N GLN A 407 0.82 -2.07 -21.62
CA GLN A 407 0.61 -1.36 -22.88
C GLN A 407 -0.89 -1.26 -23.16
N VAL A 408 -1.34 -0.07 -23.54
CA VAL A 408 -2.76 0.19 -23.72
C VAL A 408 -2.95 1.18 -24.86
N ASP A 409 -4.02 1.00 -25.64
CA ASP A 409 -4.41 1.90 -26.71
C ASP A 409 -5.62 2.70 -26.23
N TYR A 410 -5.43 4.01 -26.06
CA TYR A 410 -6.48 4.87 -25.53
C TYR A 410 -7.52 5.26 -26.56
N THR A 411 -7.35 4.83 -27.82
CA THR A 411 -8.29 5.16 -28.89
C THR A 411 -9.21 4.00 -29.25
N GLY A 412 -8.69 2.79 -29.32
CA GLY A 412 -9.47 1.63 -29.72
C GLY A 412 -9.33 1.32 -31.19
#